data_7CY9
#
_entry.id   7CY9
#
_cell.length_a   34.886
_cell.length_b   43.517
_cell.length_c   51.724
_cell.angle_alpha   103.780
_cell.angle_beta   92.420
_cell.angle_gamma   101.490
#
_symmetry.space_group_name_H-M   'P 1'
#
loop_
_entity.id
_entity.type
_entity.pdbx_description
1 polymer Cutinase
2 non-polymer 'CACODYLIC ACID'
3 non-polymer 'SODIUM ION'
4 water water
#
_entity_poly.entity_id   1
_entity_poly.type   'polypeptide(L)'
_entity_poly.pdbx_seq_one_letter_code
;(PCA)VGSSKNELETGSASNCPKAILIFARGSTETGNLGTLGAPLGDALESRYGASNVWVQGVGGPYDAALGDNALPRGS
SAAAIREGVRLLNLANSKCPNSKVVAGGYSQGAALAAAAISDASTTVRNQIVGTVLFGYTKNQQNRGGIPGYPQDRLRVY
CAVGDLVCEGTLIVLAPHLSYGDEARNEAPAFLISKIGN
;
_entity_poly.pdbx_strand_id   A,B
#
loop_
_chem_comp.id
_chem_comp.type
_chem_comp.name
_chem_comp.formula
CAD non-polymer 'CACODYLIC ACID' 'C2 H7 As O2'
NA non-polymer 'SODIUM ION' 'Na 1'
#
# COMPACT_ATOMS: atom_id res chain seq x y z
N PCA A 1 -26.94 21.85 -6.97
CA PCA A 1 -26.29 20.56 -6.82
CB PCA A 1 -24.80 20.98 -6.81
CG PCA A 1 -24.79 22.31 -7.57
CD PCA A 1 -26.22 22.77 -7.63
OE PCA A 1 -26.65 23.83 -8.17
C PCA A 1 -26.70 19.79 -5.56
O PCA A 1 -26.85 20.36 -4.46
N VAL A 2 -26.85 18.46 -5.73
CA VAL A 2 -27.16 17.52 -4.67
C VAL A 2 -26.00 16.54 -4.66
N GLY A 3 -25.51 16.14 -3.51
CA GLY A 3 -24.42 15.15 -3.51
C GLY A 3 -24.88 13.82 -4.12
N SER A 4 -23.98 13.12 -4.81
CA SER A 4 -24.17 11.71 -5.29
C SER A 4 -24.49 10.81 -4.10
N SER A 5 -25.63 10.10 -4.12
CA SER A 5 -25.96 9.13 -3.07
C SER A 5 -26.52 7.83 -3.61
N LYS A 6 -26.21 6.74 -2.92
CA LYS A 6 -26.85 5.43 -3.20
C LYS A 6 -27.09 4.76 -1.85
N ASN A 7 -28.23 4.07 -1.77
CA ASN A 7 -28.69 3.41 -0.52
C ASN A 7 -29.23 2.02 -0.84
N GLU A 8 -28.57 1.26 -1.71
CA GLU A 8 -29.17 0.03 -2.26
C GLU A 8 -29.16 -1.10 -1.26
N LEU A 9 -28.29 -1.09 -0.26
CA LEU A 9 -28.38 -2.14 0.79
C LEU A 9 -29.64 -1.87 1.63
N GLU A 10 -29.88 -0.59 1.94
CA GLU A 10 -31.08 -0.28 2.76
C GLU A 10 -32.34 -0.56 1.98
N THR A 11 -32.40 -0.38 0.69
CA THR A 11 -33.67 -0.48 -0.08
C THR A 11 -33.84 -1.82 -0.76
N GLY A 12 -32.76 -2.59 -0.90
CA GLY A 12 -32.75 -3.83 -1.67
C GLY A 12 -33.65 -4.87 -1.03
N SER A 13 -34.22 -5.80 -1.80
CA SER A 13 -34.95 -6.97 -1.26
C SER A 13 -33.99 -8.06 -0.74
N ALA A 14 -34.23 -8.52 0.48
CA ALA A 14 -33.49 -9.63 1.13
C ALA A 14 -33.75 -10.93 0.36
N SER A 15 -34.85 -11.00 -0.41
CA SER A 15 -35.16 -12.11 -1.33
C SER A 15 -34.47 -11.96 -2.68
N ASN A 16 -33.64 -10.93 -2.88
CA ASN A 16 -33.00 -10.68 -4.19
C ASN A 16 -31.57 -10.13 -3.96
N CYS A 17 -30.81 -10.79 -3.10
CA CYS A 17 -29.42 -10.36 -2.78
C CYS A 17 -28.57 -10.39 -4.04
N PRO A 18 -27.65 -9.43 -4.12
CA PRO A 18 -26.74 -9.29 -5.25
C PRO A 18 -25.44 -10.06 -5.12
N LYS A 19 -24.69 -10.13 -6.20
CA LYS A 19 -23.35 -10.75 -6.11
C LYS A 19 -22.50 -10.00 -5.10
N ALA A 20 -22.51 -8.69 -5.15
CA ALA A 20 -21.63 -7.85 -4.32
C ALA A 20 -22.36 -6.64 -3.77
N ILE A 21 -21.91 -6.24 -2.59
CA ILE A 21 -22.40 -5.02 -1.90
C ILE A 21 -21.21 -4.12 -1.57
N LEU A 22 -21.23 -2.90 -2.02
CA LEU A 22 -20.19 -1.88 -1.69
C LEU A 22 -20.71 -0.95 -0.62
N ILE A 23 -20.00 -0.85 0.47
CA ILE A 23 -20.30 0.15 1.53
C ILE A 23 -19.16 1.15 1.52
N PHE A 24 -19.43 2.44 1.34
CA PHE A 24 -18.41 3.48 1.09
C PHE A 24 -18.65 4.70 1.97
N ALA A 25 -17.63 5.16 2.65
CA ALA A 25 -17.68 6.37 3.47
C ALA A 25 -16.91 7.52 2.82
N ARG A 26 -17.54 8.66 2.65
CA ARG A 26 -17.00 9.85 2.00
C ARG A 26 -16.03 10.63 2.91
N GLY A 27 -15.35 11.63 2.31
CA GLY A 27 -14.42 12.49 3.06
C GLY A 27 -15.07 13.73 3.67
N SER A 28 -14.38 14.38 4.60
CA SER A 28 -14.95 15.51 5.37
C SER A 28 -15.46 16.58 4.39
N THR A 29 -16.61 17.15 4.72
CA THR A 29 -17.35 18.20 3.96
C THR A 29 -17.99 17.70 2.68
N GLU A 30 -17.76 16.47 2.28
CA GLU A 30 -18.38 15.99 1.03
C GLU A 30 -19.89 15.83 1.25
N THR A 31 -20.63 15.93 0.16
CA THR A 31 -22.08 15.93 0.17
C THR A 31 -22.58 14.56 -0.29
N GLY A 32 -23.87 14.37 -0.05
CA GLY A 32 -24.44 13.03 -0.30
C GLY A 32 -23.85 12.02 0.67
N ASN A 33 -23.93 10.76 0.26
CA ASN A 33 -23.24 9.68 1.02
C ASN A 33 -22.11 9.04 0.25
N LEU A 34 -21.87 9.46 -0.98
CA LEU A 34 -20.75 8.86 -1.77
C LEU A 34 -19.63 9.87 -2.01
N GLY A 35 -19.91 11.15 -2.05
CA GLY A 35 -18.83 12.12 -2.24
C GLY A 35 -18.34 12.03 -3.66
N THR A 36 -17.07 12.34 -3.84
CA THR A 36 -16.40 12.45 -5.15
C THR A 36 -15.95 11.07 -5.62
N LEU A 37 -15.56 10.18 -4.73
CA LEU A 37 -14.89 8.90 -5.12
C LEU A 37 -15.86 7.74 -5.09
N GLY A 38 -16.86 7.81 -4.21
CA GLY A 38 -17.77 6.66 -4.03
C GLY A 38 -18.56 6.37 -5.31
N ALA A 39 -19.03 7.39 -6.01
CA ALA A 39 -19.90 7.20 -7.20
C ALA A 39 -19.09 6.55 -8.32
N PRO A 40 -17.89 7.05 -8.68
CA PRO A 40 -17.11 6.38 -9.70
C PRO A 40 -16.76 4.94 -9.33
N LEU A 41 -16.44 4.68 -8.07
CA LEU A 41 -16.11 3.32 -7.63
C LEU A 41 -17.31 2.40 -7.85
N GLY A 42 -18.53 2.76 -7.38
CA GLY A 42 -19.74 1.94 -7.56
C GLY A 42 -20.05 1.81 -9.04
N ASP A 43 -19.88 2.88 -9.82
CA ASP A 43 -20.14 2.80 -11.25
C ASP A 43 -19.23 1.76 -11.89
N ALA A 44 -17.97 1.72 -11.47
CA ALA A 44 -17.03 0.77 -12.07
C ALA A 44 -17.45 -0.67 -11.75
N LEU A 45 -17.90 -0.92 -10.53
CA LEU A 45 -18.37 -2.28 -10.17
C LEU A 45 -19.63 -2.58 -10.99
N GLU A 46 -20.52 -1.64 -11.13
CA GLU A 46 -21.78 -1.92 -11.87
C GLU A 46 -21.48 -2.14 -13.36
N SER A 47 -20.48 -1.44 -13.92
CA SER A 47 -20.04 -1.64 -15.33
C SER A 47 -19.56 -3.10 -15.51
N ARG A 48 -18.86 -3.64 -14.51
CA ARG A 48 -18.28 -4.99 -14.58
C ARG A 48 -19.40 -6.01 -14.52
N TYR A 49 -20.23 -5.98 -13.46
CA TYR A 49 -21.15 -7.09 -13.15
C TYR A 49 -22.56 -6.86 -13.66
N GLY A 50 -22.91 -5.61 -13.94
CA GLY A 50 -24.29 -5.20 -14.14
C GLY A 50 -24.86 -4.48 -12.92
N ALA A 51 -25.65 -3.43 -13.14
CA ALA A 51 -26.17 -2.61 -12.03
C ALA A 51 -27.07 -3.45 -11.14
N SER A 52 -27.75 -4.48 -11.66
CA SER A 52 -28.66 -5.28 -10.81
C SER A 52 -27.89 -6.24 -9.92
N ASN A 53 -26.62 -6.44 -10.19
CA ASN A 53 -25.80 -7.46 -9.48
C ASN A 53 -24.85 -6.83 -8.46
N VAL A 54 -24.96 -5.52 -8.22
CA VAL A 54 -24.19 -4.78 -7.17
C VAL A 54 -25.15 -3.89 -6.43
N TRP A 55 -25.08 -3.93 -5.11
CA TRP A 55 -25.76 -2.88 -4.32
C TRP A 55 -24.73 -1.86 -3.85
N VAL A 56 -24.87 -0.60 -4.24
CA VAL A 56 -23.95 0.48 -3.80
C VAL A 56 -24.62 1.23 -2.64
N GLN A 57 -23.91 1.39 -1.55
CA GLN A 57 -24.43 1.93 -0.29
C GLN A 57 -23.43 2.90 0.29
N GLY A 58 -23.79 4.16 0.48
CA GLY A 58 -22.95 5.11 1.19
C GLY A 58 -23.24 5.12 2.66
N VAL A 59 -22.33 5.59 3.45
CA VAL A 59 -22.47 5.74 4.90
C VAL A 59 -22.96 7.16 5.17
N GLY A 60 -24.17 7.24 5.73
CA GLY A 60 -24.81 8.52 6.05
C GLY A 60 -25.31 8.53 7.45
N GLY A 61 -26.58 8.86 7.58
CA GLY A 61 -27.24 8.86 8.90
C GLY A 61 -26.50 9.82 9.81
N PRO A 62 -25.93 9.39 10.94
CA PRO A 62 -25.15 10.31 11.77
C PRO A 62 -23.75 10.65 11.30
N TYR A 63 -23.32 10.04 10.21
CA TYR A 63 -22.03 10.43 9.61
C TYR A 63 -22.29 11.64 8.73
N ASP A 64 -21.92 12.77 9.33
CA ASP A 64 -22.04 14.15 8.79
C ASP A 64 -20.71 14.63 8.23
N ALA A 65 -19.65 13.80 8.21
CA ALA A 65 -18.35 14.12 7.58
C ALA A 65 -17.85 15.45 8.13
N ALA A 66 -17.94 15.63 9.44
CA ALA A 66 -17.60 16.92 10.04
C ALA A 66 -16.09 17.07 10.23
N LEU A 67 -15.59 18.25 9.89
CA LEU A 67 -14.14 18.54 9.96
C LEU A 67 -13.58 18.26 11.35
N GLY A 68 -14.29 18.66 12.41
CA GLY A 68 -13.79 18.50 13.78
C GLY A 68 -13.57 17.05 14.15
N ASP A 69 -14.30 16.14 13.52
CA ASP A 69 -14.31 14.73 13.97
C ASP A 69 -13.02 14.03 13.55
N ASN A 70 -12.21 14.64 12.68
CA ASN A 70 -10.89 14.05 12.34
C ASN A 70 -10.00 14.02 13.58
N ALA A 71 -10.25 14.85 14.60
CA ALA A 71 -9.38 14.95 15.77
C ALA A 71 -9.76 13.91 16.82
N LEU A 72 -10.90 13.25 16.63
CA LEU A 72 -11.38 12.31 17.66
C LEU A 72 -10.61 11.00 17.60
N PRO A 73 -10.78 10.11 18.63
CA PRO A 73 -10.18 8.78 18.58
C PRO A 73 -10.50 7.97 17.32
N ARG A 74 -9.46 7.51 16.66
CA ARG A 74 -9.56 6.69 15.43
C ARG A 74 -10.00 7.56 14.24
N GLY A 75 -10.14 8.88 14.38
CA GLY A 75 -10.27 9.73 13.19
C GLY A 75 -11.69 9.96 12.70
N SER A 76 -12.73 9.57 13.46
CA SER A 76 -14.12 9.93 13.16
C SER A 76 -14.88 9.82 14.46
N SER A 77 -16.13 10.22 14.44
CA SER A 77 -16.95 10.14 15.67
C SER A 77 -17.31 8.71 15.98
N ALA A 78 -17.54 8.43 17.26
CA ALA A 78 -18.03 7.08 17.61
C ALA A 78 -19.37 6.79 16.92
N ALA A 79 -20.27 7.78 16.81
CA ALA A 79 -21.58 7.52 16.19
C ALA A 79 -21.43 7.25 14.69
N ALA A 80 -20.45 7.89 14.01
CA ALA A 80 -20.27 7.65 12.57
C ALA A 80 -19.71 6.23 12.38
N ILE A 81 -18.78 5.84 13.23
CA ILE A 81 -18.20 4.48 13.13
C ILE A 81 -19.27 3.43 13.42
N ARG A 82 -20.12 3.71 14.41
CA ARG A 82 -21.26 2.80 14.67
C ARG A 82 -22.21 2.65 13.46
N GLU A 83 -22.40 3.72 12.70
CA GLU A 83 -23.20 3.67 11.49
C GLU A 83 -22.56 2.74 10.47
N GLY A 84 -21.23 2.83 10.27
CA GLY A 84 -20.55 1.82 9.43
C GLY A 84 -20.80 0.40 9.88
N VAL A 85 -20.69 0.17 11.18
CA VAL A 85 -20.93 -1.16 11.76
C VAL A 85 -22.39 -1.55 11.53
N ARG A 86 -23.35 -0.62 11.64
CA ARG A 86 -24.75 -1.01 11.40
C ARG A 86 -24.97 -1.45 9.97
N LEU A 87 -24.31 -0.79 9.01
CA LEU A 87 -24.49 -1.19 7.61
C LEU A 87 -23.78 -2.55 7.34
N LEU A 88 -22.57 -2.74 7.89
CA LEU A 88 -21.90 -4.04 7.72
C LEU A 88 -22.75 -5.18 8.29
N ASN A 89 -23.32 -4.95 9.46
CA ASN A 89 -24.21 -5.98 10.09
C ASN A 89 -25.49 -6.18 9.26
N LEU A 90 -25.98 -5.12 8.62
CA LEU A 90 -27.18 -5.22 7.75
C LEU A 90 -26.86 -6.06 6.51
N ALA A 91 -25.66 -5.82 5.94
CA ALA A 91 -25.22 -6.65 4.78
C ALA A 91 -25.19 -8.13 5.18
N ASN A 92 -24.68 -8.41 6.35
CA ASN A 92 -24.54 -9.79 6.84
C ASN A 92 -25.91 -10.39 7.18
N SER A 93 -26.80 -9.64 7.79
CA SER A 93 -28.11 -10.18 8.19
C SER A 93 -29.00 -10.31 6.96
N LYS A 94 -29.02 -9.33 6.04
CA LYS A 94 -29.90 -9.41 4.83
C LYS A 94 -29.38 -10.40 3.80
N CYS A 95 -28.07 -10.34 3.56
CA CYS A 95 -27.46 -11.04 2.40
C CYS A 95 -26.17 -11.73 2.80
N PRO A 96 -26.25 -12.75 3.66
CA PRO A 96 -25.02 -13.36 4.18
C PRO A 96 -24.13 -14.02 3.12
N ASN A 97 -24.73 -14.42 1.99
CA ASN A 97 -23.98 -15.08 0.91
C ASN A 97 -23.46 -14.08 -0.13
N SER A 98 -23.73 -12.78 0.00
CA SER A 98 -23.17 -11.76 -0.90
C SER A 98 -21.74 -11.43 -0.46
N LYS A 99 -20.96 -11.06 -1.45
CA LYS A 99 -19.59 -10.57 -1.19
C LYS A 99 -19.70 -9.12 -0.76
N VAL A 100 -19.11 -8.73 0.35
CA VAL A 100 -19.06 -7.30 0.69
C VAL A 100 -17.70 -6.73 0.31
N VAL A 101 -17.72 -5.49 -0.18
CA VAL A 101 -16.46 -4.73 -0.33
C VAL A 101 -16.66 -3.37 0.30
N ALA A 102 -15.64 -2.83 0.89
CA ALA A 102 -15.72 -1.58 1.64
C ALA A 102 -14.79 -0.57 1.05
N GLY A 103 -15.07 0.70 1.19
CA GLY A 103 -14.14 1.75 0.82
C GLY A 103 -14.32 2.98 1.62
N GLY A 104 -13.38 3.88 1.65
CA GLY A 104 -13.56 5.18 2.26
C GLY A 104 -12.51 6.10 1.81
N TYR A 105 -12.78 7.37 1.83
CA TYR A 105 -11.87 8.48 1.49
C TYR A 105 -11.66 9.36 2.70
N SER A 106 -10.43 9.62 3.12
CA SER A 106 -10.09 10.71 4.08
C SER A 106 -10.71 10.35 5.41
N GLN A 107 -11.53 11.22 6.03
CA GLN A 107 -12.18 10.77 7.28
C GLN A 107 -12.94 9.46 7.06
N GLY A 108 -13.52 9.31 5.88
CA GLY A 108 -14.27 8.08 5.57
C GLY A 108 -13.42 6.83 5.56
N ALA A 109 -12.12 7.01 5.20
CA ALA A 109 -11.20 5.86 5.28
C ALA A 109 -10.95 5.49 6.75
N ALA A 110 -10.80 6.50 7.61
CA ALA A 110 -10.68 6.25 9.06
C ALA A 110 -11.96 5.57 9.58
N LEU A 111 -13.13 6.06 9.15
CA LEU A 111 -14.42 5.47 9.60
C LEU A 111 -14.44 4.01 9.18
N ALA A 112 -14.18 3.78 7.90
CA ALA A 112 -14.22 2.42 7.37
C ALA A 112 -13.28 1.50 8.15
N ALA A 113 -12.02 1.92 8.34
CA ALA A 113 -11.05 1.13 9.07
C ALA A 113 -11.59 0.75 10.44
N ALA A 114 -12.07 1.75 11.17
CA ALA A 114 -12.58 1.51 12.55
C ALA A 114 -13.81 0.59 12.57
N ALA A 115 -14.70 0.79 11.62
CA ALA A 115 -15.92 -0.02 11.60
C ALA A 115 -15.60 -1.46 11.23
N ILE A 116 -14.66 -1.66 10.31
CA ILE A 116 -14.23 -3.04 9.93
C ILE A 116 -13.57 -3.67 11.17
N SER A 117 -12.64 -2.97 11.81
CA SER A 117 -12.03 -3.50 13.06
C SER A 117 -13.10 -3.94 14.09
N ASP A 118 -14.16 -3.14 14.21
CA ASP A 118 -15.19 -3.33 15.24
C ASP A 118 -16.16 -4.45 14.87
N ALA A 119 -16.27 -4.80 13.61
CA ALA A 119 -17.21 -5.80 13.10
C ALA A 119 -16.78 -7.20 13.52
N SER A 120 -17.70 -8.15 13.43
CA SER A 120 -17.38 -9.52 13.88
C SER A 120 -16.36 -10.22 12.98
N THR A 121 -15.81 -11.29 13.49
CA THR A 121 -14.97 -12.15 12.67
C THR A 121 -15.69 -12.65 11.42
N THR A 122 -16.98 -12.93 11.49
CA THR A 122 -17.77 -13.42 10.34
C THR A 122 -18.04 -12.30 9.35
N VAL A 123 -18.33 -11.11 9.84
CA VAL A 123 -18.54 -9.93 8.96
C VAL A 123 -17.19 -9.64 8.28
N ARG A 124 -16.09 -9.60 9.04
CA ARG A 124 -14.80 -9.33 8.37
C ARG A 124 -14.48 -10.38 7.29
N ASN A 125 -14.85 -11.62 7.49
CA ASN A 125 -14.64 -12.65 6.46
C ASN A 125 -15.50 -12.34 5.25
N GLN A 126 -16.72 -11.82 5.45
CA GLN A 126 -17.60 -11.48 4.31
C GLN A 126 -17.04 -10.30 3.51
N ILE A 127 -16.26 -9.42 4.14
CA ILE A 127 -15.69 -8.21 3.45
C ILE A 127 -14.46 -8.73 2.72
N VAL A 128 -14.64 -9.08 1.46
CA VAL A 128 -13.56 -9.75 0.71
C VAL A 128 -12.46 -8.78 0.34
N GLY A 129 -12.75 -7.50 0.22
CA GLY A 129 -11.76 -6.50 -0.15
C GLY A 129 -12.12 -5.13 0.33
N THR A 130 -11.15 -4.30 0.67
CA THR A 130 -11.35 -2.94 1.12
C THR A 130 -10.38 -2.00 0.42
N VAL A 131 -10.80 -0.83 0.03
CA VAL A 131 -9.93 0.22 -0.56
C VAL A 131 -10.00 1.50 0.24
N LEU A 132 -8.88 2.02 0.66
CA LEU A 132 -8.84 3.27 1.41
C LEU A 132 -8.12 4.32 0.59
N PHE A 133 -8.67 5.50 0.43
CA PHE A 133 -8.01 6.59 -0.33
C PHE A 133 -7.64 7.68 0.63
N GLY A 134 -6.39 8.16 0.64
CA GLY A 134 -6.07 9.28 1.52
C GLY A 134 -6.33 8.91 2.96
N TYR A 135 -5.85 7.75 3.36
CA TYR A 135 -6.09 7.14 4.67
C TYR A 135 -5.50 7.94 5.81
N THR A 136 -6.32 8.62 6.61
CA THR A 136 -5.81 9.56 7.64
C THR A 136 -5.14 8.83 8.79
N LYS A 137 -5.33 7.52 8.91
CA LYS A 137 -4.65 6.70 9.93
C LYS A 137 -3.64 5.73 9.31
N ASN A 138 -3.14 6.05 8.12
CA ASN A 138 -2.09 5.22 7.48
C ASN A 138 -0.88 5.12 8.40
N GLN A 139 -0.37 6.23 8.87
CA GLN A 139 0.87 6.20 9.67
C GLN A 139 0.60 5.49 11.00
N GLN A 140 -0.52 5.86 11.63
CA GLN A 140 -0.83 5.40 13.00
C GLN A 140 -1.22 3.91 13.03
N ASN A 141 -1.81 3.41 11.95
CA ASN A 141 -2.15 1.97 11.83
C ASN A 141 -1.15 1.21 10.97
N ARG A 142 -0.02 1.83 10.65
CA ARG A 142 1.12 1.20 9.93
C ARG A 142 0.58 0.55 8.64
N GLY A 143 -0.26 1.27 7.89
CA GLY A 143 -0.63 0.88 6.53
C GLY A 143 -1.69 -0.21 6.49
N GLY A 144 -2.31 -0.52 7.64
CA GLY A 144 -3.32 -1.57 7.70
C GLY A 144 -4.61 -1.19 8.36
N ILE A 145 -5.49 -2.18 8.45
CA ILE A 145 -6.75 -2.08 9.24
C ILE A 145 -6.61 -3.06 10.38
N PRO A 146 -6.63 -2.62 11.64
CA PRO A 146 -6.48 -3.55 12.74
C PRO A 146 -7.48 -4.71 12.57
N GLY A 147 -7.00 -5.95 12.74
CA GLY A 147 -7.83 -7.17 12.76
C GLY A 147 -8.25 -7.63 11.37
N TYR A 148 -7.69 -7.06 10.32
CA TYR A 148 -8.10 -7.34 8.93
C TYR A 148 -6.85 -7.70 8.12
N PRO A 149 -6.94 -8.77 7.34
CA PRO A 149 -5.75 -9.27 6.66
C PRO A 149 -5.31 -8.36 5.51
N GLN A 150 -3.97 -8.24 5.39
CA GLN A 150 -3.40 -7.28 4.44
C GLN A 150 -3.77 -7.65 3.00
N ASP A 151 -3.93 -8.91 2.66
CA ASP A 151 -4.19 -9.30 1.26
C ASP A 151 -5.51 -8.72 0.77
N ARG A 152 -6.40 -8.41 1.73
CA ARG A 152 -7.74 -7.89 1.37
C ARG A 152 -7.78 -6.37 1.30
N LEU A 153 -6.65 -5.69 1.44
CA LEU A 153 -6.59 -4.23 1.53
C LEU A 153 -5.71 -3.61 0.44
N ARG A 154 -6.12 -2.51 -0.12
CA ARG A 154 -5.26 -1.55 -0.83
C ARG A 154 -5.43 -0.18 -0.21
N VAL A 155 -4.32 0.44 0.16
CA VAL A 155 -4.28 1.82 0.63
C VAL A 155 -3.73 2.64 -0.52
N TYR A 156 -4.44 3.65 -0.99
CA TYR A 156 -4.00 4.61 -2.01
C TYR A 156 -3.62 5.89 -1.29
N CYS A 157 -2.31 6.07 -1.12
CA CYS A 157 -1.73 7.25 -0.50
C CYS A 157 -0.81 7.89 -1.54
N ALA A 158 -1.27 8.98 -2.15
CA ALA A 158 -0.54 9.68 -3.21
C ALA A 158 0.81 10.16 -2.67
N VAL A 159 1.74 10.26 -3.59
CA VAL A 159 3.00 10.94 -3.29
C VAL A 159 2.68 12.36 -2.83
N GLY A 160 3.13 12.72 -1.64
CA GLY A 160 2.89 14.08 -1.13
C GLY A 160 1.53 14.22 -0.44
N ASP A 161 0.75 13.16 -0.25
CA ASP A 161 -0.46 13.28 0.59
C ASP A 161 -0.07 13.13 2.05
N LEU A 162 0.07 14.24 2.74
CA LEU A 162 0.58 14.25 4.14
C LEU A 162 -0.45 13.70 5.11
N VAL A 163 -1.73 13.51 4.72
CA VAL A 163 -2.69 12.93 5.69
C VAL A 163 -2.31 11.47 5.94
N CYS A 164 -1.60 10.87 4.99
CA CYS A 164 -1.10 9.49 5.12
C CYS A 164 0.14 9.42 6.00
N GLU A 165 0.59 10.56 6.52
CA GLU A 165 1.93 10.68 7.14
C GLU A 165 1.75 11.32 8.51
N GLY A 166 0.62 10.99 9.15
CA GLY A 166 0.40 11.34 10.56
C GLY A 166 0.04 12.79 10.78
N THR A 167 -0.39 13.50 9.74
CA THR A 167 -0.85 14.92 9.87
C THR A 167 -2.28 15.00 9.34
N LEU A 168 -2.85 16.21 9.40
CA LEU A 168 -4.07 16.58 8.69
C LEU A 168 -3.85 17.76 7.75
N ILE A 169 -2.67 17.78 7.14
CA ILE A 169 -2.31 18.73 6.07
C ILE A 169 -2.84 18.17 4.75
N VAL A 170 -3.82 18.85 4.18
CA VAL A 170 -4.53 18.43 2.96
C VAL A 170 -4.02 19.30 1.83
N LEU A 171 -3.30 18.66 0.95
CA LEU A 171 -2.70 19.32 -0.21
C LEU A 171 -3.29 18.75 -1.51
N ALA A 172 -2.83 19.25 -2.65
CA ALA A 172 -3.32 18.78 -3.95
C ALA A 172 -3.30 17.26 -4.07
N PRO A 173 -2.26 16.54 -3.64
CA PRO A 173 -2.28 15.09 -3.80
C PRO A 173 -3.45 14.40 -3.08
N HIS A 174 -3.99 15.02 -2.05
CA HIS A 174 -5.17 14.43 -1.35
C HIS A 174 -6.39 14.48 -2.26
N LEU A 175 -6.39 15.31 -3.29
CA LEU A 175 -7.54 15.46 -4.22
C LEU A 175 -7.32 14.67 -5.51
N SER A 176 -6.35 13.75 -5.50
CA SER A 176 -5.87 13.11 -6.74
C SER A 176 -6.33 11.68 -6.92
N TYR A 177 -7.33 11.21 -6.19
CA TYR A 177 -7.67 9.78 -6.19
C TYR A 177 -8.82 9.44 -7.16
N GLY A 178 -9.24 10.36 -8.02
CA GLY A 178 -10.35 10.06 -8.95
C GLY A 178 -9.97 8.90 -9.87
N ASP A 179 -8.70 8.84 -10.30
CA ASP A 179 -8.28 7.74 -11.18
C ASP A 179 -8.25 6.42 -10.43
N GLU A 180 -7.73 6.35 -9.22
CA GLU A 180 -7.84 5.06 -8.47
C GLU A 180 -9.30 4.63 -8.26
N ALA A 181 -10.20 5.58 -8.03
CA ALA A 181 -11.62 5.23 -7.82
C ALA A 181 -12.18 4.62 -9.10
N ARG A 182 -11.70 5.05 -10.25
CA ARG A 182 -12.21 4.60 -11.56
C ARG A 182 -11.53 3.31 -12.07
N ASN A 183 -10.35 3.04 -11.58
CA ASN A 183 -9.40 2.09 -12.23
C ASN A 183 -8.84 1.09 -11.23
N GLU A 184 -7.79 1.44 -10.51
CA GLU A 184 -7.11 0.43 -9.67
C GLU A 184 -8.07 -0.09 -8.59
N ALA A 185 -8.80 0.78 -7.93
CA ALA A 185 -9.56 0.33 -6.76
C ALA A 185 -10.66 -0.64 -7.20
N PRO A 186 -11.51 -0.35 -8.22
CA PRO A 186 -12.52 -1.35 -8.62
C PRO A 186 -11.86 -2.62 -9.20
N ALA A 187 -10.70 -2.48 -9.86
CA ALA A 187 -9.99 -3.67 -10.37
C ALA A 187 -9.61 -4.55 -9.19
N PHE A 188 -9.07 -3.97 -8.14
CA PHE A 188 -8.69 -4.75 -6.95
C PHE A 188 -9.94 -5.40 -6.33
N LEU A 189 -10.99 -4.62 -6.11
CA LEU A 189 -12.21 -5.17 -5.48
C LEU A 189 -12.78 -6.31 -6.36
N ILE A 190 -12.74 -6.13 -7.67
CA ILE A 190 -13.23 -7.17 -8.60
C ILE A 190 -12.42 -8.45 -8.43
N SER A 191 -11.11 -8.35 -8.24
CA SER A 191 -10.27 -9.57 -8.05
C SER A 191 -10.68 -10.30 -6.80
N LYS A 192 -11.07 -9.57 -5.76
CA LYS A 192 -11.49 -10.25 -4.49
C LYS A 192 -12.94 -10.76 -4.55
N ILE A 193 -13.83 -10.08 -5.26
CA ILE A 193 -15.23 -10.56 -5.40
C ILE A 193 -15.23 -11.82 -6.27
N GLY A 194 -14.39 -11.80 -7.28
CA GLY A 194 -14.41 -12.77 -8.38
C GLY A 194 -15.20 -12.30 -9.58
N ASN A 195 -15.03 -12.91 -10.76
CA ASN A 195 -15.74 -12.46 -12.00
C ASN A 195 -17.32 -12.61 -12.00
N GLY B 3 24.06 -8.24 -15.84
CA GLY B 3 24.61 -7.33 -16.92
C GLY B 3 24.37 -5.85 -16.60
N SER B 4 23.25 -5.55 -15.94
CA SER B 4 22.76 -4.19 -15.55
C SER B 4 23.19 -3.83 -14.12
N SER B 5 24.11 -4.58 -13.53
CA SER B 5 24.57 -4.36 -12.15
C SER B 5 25.10 -2.93 -11.96
N LYS B 6 25.06 -2.45 -10.73
CA LYS B 6 25.65 -1.15 -10.34
C LYS B 6 26.27 -1.34 -8.96
N ASN B 7 27.46 -0.76 -8.75
CA ASN B 7 28.26 -0.92 -7.52
C ASN B 7 28.79 0.43 -7.08
N GLU B 8 28.00 1.48 -7.22
CA GLU B 8 28.49 2.84 -7.07
C GLU B 8 28.77 3.20 -5.63
N LEU B 9 28.07 2.59 -4.66
CA LEU B 9 28.45 2.81 -3.26
C LEU B 9 29.83 2.19 -3.00
N GLU B 10 30.07 0.98 -3.52
CA GLU B 10 31.37 0.29 -3.33
C GLU B 10 32.46 1.11 -3.98
N THR B 11 32.23 1.76 -5.12
CA THR B 11 33.36 2.41 -5.86
C THR B 11 33.46 3.91 -5.59
N GLY B 12 32.41 4.50 -5.06
CA GLY B 12 32.36 5.96 -4.91
C GLY B 12 33.30 6.48 -3.85
N SER B 13 33.68 7.73 -4.01
CA SER B 13 34.58 8.44 -3.08
C SER B 13 33.79 9.14 -1.98
N ALA B 14 34.15 8.97 -0.69
CA ALA B 14 33.59 9.72 0.47
C ALA B 14 33.92 11.20 0.35
N SER B 15 34.82 11.60 -0.57
CA SER B 15 35.08 13.05 -0.80
C SER B 15 34.14 13.63 -1.87
N ASN B 16 33.23 12.84 -2.47
CA ASN B 16 32.24 13.31 -3.46
C ASN B 16 30.92 12.59 -3.19
N CYS B 17 30.43 12.60 -1.95
CA CYS B 17 29.15 11.94 -1.61
C CYS B 17 28.04 12.54 -2.45
N PRO B 18 27.13 11.69 -2.90
CA PRO B 18 26.03 12.09 -3.77
C PRO B 18 24.83 12.60 -2.97
N LYS B 19 23.87 13.17 -3.70
CA LYS B 19 22.58 13.53 -3.10
C LYS B 19 21.89 12.30 -2.53
N ALA B 20 21.91 11.20 -3.28
CA ALA B 20 21.19 9.96 -2.91
C ALA B 20 21.98 8.71 -3.24
N ILE B 21 21.74 7.71 -2.42
CA ILE B 21 22.28 6.34 -2.60
C ILE B 21 21.13 5.37 -2.63
N LEU B 22 20.95 4.63 -3.72
CA LEU B 22 19.94 3.53 -3.78
C LEU B 22 20.64 2.21 -3.49
N ILE B 23 20.12 1.41 -2.57
CA ILE B 23 20.55 0.03 -2.30
C ILE B 23 19.36 -0.86 -2.61
N PHE B 24 19.48 -1.80 -3.51
CA PHE B 24 18.36 -2.60 -4.02
C PHE B 24 18.71 -4.08 -4.09
N ALA B 25 17.81 -4.94 -3.61
CA ALA B 25 18.00 -6.39 -3.67
C ALA B 25 17.08 -7.01 -4.71
N ARG B 26 17.62 -7.84 -5.58
CA ARG B 26 16.93 -8.47 -6.71
C ARG B 26 16.07 -9.65 -6.23
N GLY B 27 15.30 -10.13 -7.16
CA GLY B 27 14.48 -11.33 -6.91
C GLY B 27 15.23 -12.64 -7.14
N SER B 28 14.67 -13.74 -6.70
CA SER B 28 15.27 -15.07 -6.81
C SER B 28 15.63 -15.33 -8.28
N THR B 29 16.82 -15.87 -8.50
CA THR B 29 17.39 -16.32 -9.82
C THR B 29 17.72 -15.16 -10.74
N GLU B 30 17.48 -13.91 -10.34
CA GLU B 30 17.85 -12.81 -11.24
C GLU B 30 19.38 -12.70 -11.25
N THR B 31 19.93 -12.23 -12.37
CA THR B 31 21.39 -12.11 -12.55
C THR B 31 21.84 -10.72 -12.21
N GLY B 32 23.15 -10.66 -11.97
CA GLY B 32 23.77 -9.39 -11.54
C GLY B 32 23.28 -9.04 -10.13
N ASN B 33 23.32 -7.77 -9.80
CA ASN B 33 22.95 -7.35 -8.43
C ASN B 33 21.70 -6.45 -8.39
N LEU B 34 21.10 -6.16 -9.53
CA LEU B 34 19.86 -5.34 -9.53
C LEU B 34 18.65 -6.06 -10.06
N GLY B 35 18.82 -6.92 -11.05
CA GLY B 35 17.68 -7.57 -11.72
C GLY B 35 16.78 -6.64 -12.49
N THR B 36 15.62 -7.16 -12.87
CA THR B 36 14.75 -6.49 -13.86
C THR B 36 14.15 -5.19 -13.31
N LEU B 37 14.04 -5.05 -11.99
CA LEU B 37 13.38 -3.85 -11.43
C LEU B 37 14.40 -2.82 -10.89
N GLY B 38 15.46 -3.29 -10.29
CA GLY B 38 16.50 -2.42 -9.71
C GLY B 38 17.11 -1.53 -10.78
N ALA B 39 17.36 -2.07 -11.97
CA ALA B 39 18.08 -1.35 -13.02
C ALA B 39 17.26 -0.15 -13.50
N PRO B 40 15.96 -0.30 -13.88
CA PRO B 40 15.21 0.88 -14.30
C PRO B 40 14.96 1.83 -13.11
N LEU B 41 14.81 1.30 -11.88
CA LEU B 41 14.60 2.20 -10.71
C LEU B 41 15.81 3.14 -10.61
N GLY B 42 17.01 2.60 -10.67
CA GLY B 42 18.25 3.39 -10.58
C GLY B 42 18.37 4.35 -11.75
N ASP B 43 18.03 3.89 -12.94
CA ASP B 43 18.07 4.80 -14.11
C ASP B 43 17.15 5.97 -13.86
N ALA B 44 15.96 5.75 -13.30
CA ALA B 44 15.00 6.85 -13.15
C ALA B 44 15.57 7.90 -12.17
N LEU B 45 16.22 7.46 -11.09
CA LEU B 45 16.79 8.40 -10.11
C LEU B 45 17.95 9.15 -10.80
N GLU B 46 18.80 8.51 -11.60
CA GLU B 46 19.87 9.24 -12.30
C GLU B 46 19.30 10.20 -13.32
N SER B 47 18.23 9.83 -14.03
CA SER B 47 17.59 10.83 -14.93
C SER B 47 17.07 12.05 -14.14
N ARG B 48 16.54 11.88 -12.94
CA ARG B 48 15.97 13.02 -12.20
C ARG B 48 17.10 13.90 -11.66
N TYR B 49 18.18 13.34 -11.14
CA TYR B 49 19.13 14.15 -10.34
C TYR B 49 20.49 14.32 -11.03
N GLY B 50 20.75 13.54 -12.10
CA GLY B 50 22.10 13.45 -12.70
C GLY B 50 22.75 12.13 -12.30
N ALA B 51 23.40 11.45 -13.22
CA ALA B 51 24.02 10.14 -12.94
C ALA B 51 25.09 10.29 -11.85
N SER B 52 25.87 11.36 -11.86
CA SER B 52 26.96 11.50 -10.87
C SER B 52 26.41 11.94 -9.50
N ASN B 53 25.13 12.25 -9.38
CA ASN B 53 24.55 12.73 -8.10
C ASN B 53 23.75 11.61 -7.42
N VAL B 54 23.71 10.41 -8.00
CA VAL B 54 23.05 9.23 -7.38
C VAL B 54 24.03 8.08 -7.47
N TRP B 55 24.30 7.42 -6.35
CA TRP B 55 24.99 6.11 -6.38
C TRP B 55 23.96 5.00 -6.35
N VAL B 56 23.98 4.19 -7.39
CA VAL B 56 23.10 2.98 -7.44
C VAL B 56 23.93 1.75 -7.03
N GLN B 57 23.44 0.98 -6.07
CA GLN B 57 24.18 -0.17 -5.53
C GLN B 57 23.23 -1.36 -5.39
N GLY B 58 23.55 -2.49 -5.96
CA GLY B 58 22.84 -3.76 -5.79
C GLY B 58 23.41 -4.54 -4.64
N VAL B 59 22.63 -5.43 -4.08
CA VAL B 59 23.07 -6.33 -2.99
C VAL B 59 23.53 -7.60 -3.64
N GLY B 60 24.85 -7.79 -3.70
CA GLY B 60 25.42 -9.01 -4.33
C GLY B 60 26.20 -9.78 -3.29
N GLY B 61 27.44 -10.11 -3.64
CA GLY B 61 28.33 -10.83 -2.72
C GLY B 61 27.68 -12.14 -2.27
N PRO B 62 27.50 -12.31 -0.93
CA PRO B 62 26.83 -13.45 -0.35
C PRO B 62 25.38 -13.64 -0.81
N TYR B 63 24.73 -12.59 -1.29
CA TYR B 63 23.33 -12.75 -1.74
C TYR B 63 23.30 -13.39 -3.14
N ASP B 64 23.01 -14.68 -3.19
CA ASP B 64 22.92 -15.41 -4.46
C ASP B 64 21.51 -15.60 -4.95
N ALA B 65 20.49 -15.07 -4.24
CA ALA B 65 19.11 -15.02 -4.79
C ALA B 65 18.65 -16.44 -5.06
N ALA B 66 18.93 -17.34 -4.12
CA ALA B 66 18.66 -18.79 -4.29
C ALA B 66 17.17 -19.04 -3.98
N LEU B 67 16.54 -19.88 -4.79
CA LEU B 67 15.07 -20.11 -4.65
C LEU B 67 14.77 -20.69 -3.28
N GLY B 68 15.52 -21.64 -2.79
CA GLY B 68 15.21 -22.32 -1.52
C GLY B 68 15.18 -21.40 -0.32
N ASP B 69 15.89 -20.29 -0.42
CA ASP B 69 16.08 -19.35 0.72
C ASP B 69 14.75 -18.62 0.99
N ASN B 70 13.76 -18.68 0.09
CA ASN B 70 12.44 -18.04 0.36
C ASN B 70 11.78 -18.74 1.54
N ALA B 71 12.14 -20.00 1.77
CA ALA B 71 11.51 -20.83 2.81
C ALA B 71 12.13 -20.56 4.19
N LEU B 72 13.26 -19.89 4.23
CA LEU B 72 13.87 -19.58 5.55
C LEU B 72 13.02 -18.53 6.26
N PRO B 73 13.09 -18.44 7.59
CA PRO B 73 11.97 -17.80 8.34
C PRO B 73 11.51 -16.36 7.99
N ARG B 74 12.51 -15.57 7.60
CA ARG B 74 12.37 -14.13 7.23
C ARG B 74 12.37 -13.95 5.70
N GLY B 75 12.38 -15.04 4.97
CA GLY B 75 12.21 -14.99 3.50
C GLY B 75 13.54 -14.80 2.74
N SER B 76 14.69 -14.82 3.41
CA SER B 76 15.99 -14.88 2.71
C SER B 76 16.97 -15.49 3.70
N SER B 77 18.22 -15.65 3.26
CA SER B 77 19.26 -16.23 4.13
C SER B 77 19.76 -15.17 5.11
N ALA B 78 20.25 -15.64 6.26
CA ALA B 78 20.85 -14.75 7.26
C ALA B 78 22.05 -14.00 6.66
N ALA B 79 22.83 -14.69 5.85
CA ALA B 79 24.02 -14.12 5.20
C ALA B 79 23.62 -13.03 4.18
N ALA B 80 22.56 -13.25 3.43
CA ALA B 80 22.10 -12.23 2.46
C ALA B 80 21.65 -10.97 3.21
N ILE B 81 20.86 -11.20 4.26
CA ILE B 81 20.34 -10.06 5.08
C ILE B 81 21.51 -9.29 5.67
N ARG B 82 22.52 -10.00 6.17
CA ARG B 82 23.72 -9.33 6.75
C ARG B 82 24.46 -8.52 5.68
N GLU B 83 24.44 -8.96 4.42
CA GLU B 83 25.07 -8.17 3.33
C GLU B 83 24.28 -6.92 3.06
N GLY B 84 22.93 -7.00 3.13
CA GLY B 84 22.13 -5.77 3.07
C GLY B 84 22.50 -4.78 4.17
N VAL B 85 22.61 -5.28 5.39
CA VAL B 85 22.99 -4.43 6.54
C VAL B 85 24.40 -3.89 6.28
N ARG B 86 25.33 -4.69 5.79
CA ARG B 86 26.70 -4.23 5.55
C ARG B 86 26.65 -3.06 4.58
N LEU B 87 25.86 -3.16 3.50
CA LEU B 87 25.77 -2.05 2.53
C LEU B 87 25.11 -0.80 3.15
N LEU B 88 24.07 -0.99 3.93
CA LEU B 88 23.47 0.19 4.60
C LEU B 88 24.48 0.85 5.54
N ASN B 89 25.26 0.05 6.25
CA ASN B 89 26.30 0.61 7.14
C ASN B 89 27.40 1.29 6.31
N LEU B 90 27.76 0.75 5.13
CA LEU B 90 28.81 1.40 4.28
C LEU B 90 28.30 2.78 3.81
N ALA B 91 27.03 2.88 3.46
CA ALA B 91 26.48 4.18 3.06
C ALA B 91 26.59 5.16 4.25
N ASN B 92 26.26 4.67 5.45
CA ASN B 92 26.34 5.54 6.63
C ASN B 92 27.79 5.91 6.97
N SER B 93 28.75 5.02 6.84
CA SER B 93 30.16 5.35 7.14
C SER B 93 30.75 6.27 6.06
N LYS B 94 30.48 5.98 4.78
CA LYS B 94 31.10 6.82 3.74
C LYS B 94 30.41 8.19 3.65
N CYS B 95 29.08 8.18 3.69
CA CYS B 95 28.28 9.37 3.34
C CYS B 95 27.10 9.52 4.30
N PRO B 96 27.37 9.83 5.60
CA PRO B 96 26.29 9.89 6.58
C PRO B 96 25.21 10.91 6.23
N ASN B 97 25.52 11.91 5.40
CA ASN B 97 24.52 12.99 5.12
C ASN B 97 23.98 12.90 3.70
N SER B 98 24.28 11.80 3.00
CA SER B 98 23.56 11.44 1.76
C SER B 98 22.24 10.81 2.15
N LYS B 99 21.20 11.03 1.34
CA LYS B 99 19.89 10.38 1.53
C LYS B 99 19.98 8.97 0.99
N VAL B 100 19.66 7.99 1.82
CA VAL B 100 19.60 6.60 1.36
C VAL B 100 18.16 6.28 0.97
N VAL B 101 17.97 5.59 -0.15
CA VAL B 101 16.69 4.93 -0.48
C VAL B 101 16.97 3.48 -0.73
N ALA B 102 16.06 2.63 -0.37
CA ALA B 102 16.24 1.19 -0.44
C ALA B 102 15.08 0.57 -1.19
N GLY B 103 15.27 -0.64 -1.63
CA GLY B 103 14.21 -1.38 -2.30
C GLY B 103 14.55 -2.82 -2.50
N GLY B 104 13.58 -3.61 -2.87
CA GLY B 104 13.83 -4.96 -3.27
C GLY B 104 12.67 -5.49 -4.04
N TYR B 105 12.88 -6.60 -4.72
CA TYR B 105 11.87 -7.36 -5.47
C TYR B 105 11.82 -8.77 -4.95
N SER B 106 10.65 -9.25 -4.51
CA SER B 106 10.45 -10.69 -4.33
C SER B 106 11.27 -11.15 -3.11
N GLN B 107 12.12 -12.15 -3.23
CA GLN B 107 13.03 -12.49 -2.13
C GLN B 107 13.80 -11.22 -1.68
N GLY B 108 14.20 -10.40 -2.64
CA GLY B 108 14.98 -9.19 -2.35
C GLY B 108 14.21 -8.17 -1.52
N ALA B 109 12.88 -8.18 -1.65
CA ALA B 109 11.99 -7.35 -0.80
C ALA B 109 12.00 -7.87 0.65
N ALA B 110 11.93 -9.22 0.82
CA ALA B 110 12.09 -9.82 2.15
C ALA B 110 13.48 -9.43 2.72
N LEU B 111 14.54 -9.55 1.90
CA LEU B 111 15.92 -9.21 2.31
C LEU B 111 15.94 -7.76 2.80
N ALA B 112 15.44 -6.85 1.98
CA ALA B 112 15.46 -5.42 2.30
C ALA B 112 14.73 -5.14 3.61
N ALA B 113 13.55 -5.74 3.75
CA ALA B 113 12.71 -5.51 4.94
C ALA B 113 13.48 -5.99 6.18
N ALA B 114 14.06 -7.21 6.13
CA ALA B 114 14.78 -7.75 7.27
C ALA B 114 16.03 -6.92 7.57
N ALA B 115 16.76 -6.47 6.55
CA ALA B 115 17.99 -5.65 6.74
C ALA B 115 17.64 -4.30 7.36
N ILE B 116 16.53 -3.72 6.94
CA ILE B 116 16.11 -2.40 7.52
C ILE B 116 15.65 -2.61 8.97
N SER B 117 14.95 -3.70 9.27
CA SER B 117 14.57 -4.07 10.64
C SER B 117 15.79 -4.24 11.53
N ASP B 118 16.87 -4.83 11.02
CA ASP B 118 18.08 -5.18 11.80
C ASP B 118 19.04 -4.00 11.88
N ALA B 119 18.85 -3.03 11.00
CA ALA B 119 19.72 -1.84 10.95
C ALA B 119 19.63 -1.05 12.25
N SER B 120 20.67 -0.34 12.60
CA SER B 120 20.66 0.61 13.73
C SER B 120 19.63 1.71 13.54
N THR B 121 19.27 2.35 14.62
CA THR B 121 18.44 3.57 14.56
C THR B 121 19.07 4.63 13.65
N THR B 122 20.39 4.80 13.72
CA THR B 122 21.07 5.78 12.85
C THR B 122 20.81 5.42 11.38
N VAL B 123 21.09 4.18 11.02
CA VAL B 123 20.96 3.76 9.62
C VAL B 123 19.50 3.87 9.16
N ARG B 124 18.55 3.38 9.93
CA ARG B 124 17.12 3.47 9.52
C ARG B 124 16.73 4.92 9.33
N ASN B 125 17.22 5.82 10.18
CA ASN B 125 16.90 7.24 10.03
C ASN B 125 17.38 7.78 8.69
N GLN B 126 18.56 7.31 8.22
CA GLN B 126 19.12 7.82 6.95
C GLN B 126 18.36 7.31 5.74
N ILE B 127 17.59 6.23 5.90
CA ILE B 127 16.87 5.63 4.75
C ILE B 127 15.53 6.40 4.63
N VAL B 128 15.46 7.38 3.76
CA VAL B 128 14.29 8.31 3.67
C VAL B 128 13.12 7.69 2.96
N GLY B 129 13.32 6.63 2.18
CA GLY B 129 12.26 6.01 1.40
C GLY B 129 12.60 4.57 1.06
N THR B 130 11.66 3.66 0.99
CA THR B 130 11.85 2.29 0.59
C THR B 130 10.74 1.91 -0.34
N VAL B 131 11.01 1.10 -1.36
CA VAL B 131 10.03 0.52 -2.29
C VAL B 131 10.18 -0.97 -2.29
N LEU B 132 9.13 -1.72 -2.06
CA LEU B 132 9.17 -3.19 -2.11
C LEU B 132 8.21 -3.66 -3.19
N PHE B 133 8.62 -4.49 -4.10
CA PHE B 133 7.81 -5.05 -5.19
C PHE B 133 7.67 -6.53 -4.94
N GLY B 134 6.43 -7.01 -5.06
CA GLY B 134 6.17 -8.44 -4.87
C GLY B 134 6.71 -8.88 -3.52
N TYR B 135 6.34 -8.16 -2.47
CA TYR B 135 6.86 -8.34 -1.10
C TYR B 135 6.37 -9.62 -0.47
N THR B 136 7.24 -10.57 -0.26
CA THR B 136 6.89 -11.94 0.13
C THR B 136 6.45 -11.96 1.60
N LYS B 137 6.74 -10.90 2.37
CA LYS B 137 6.25 -10.86 3.77
C LYS B 137 5.15 -9.77 3.89
N ASN B 138 4.50 -9.41 2.81
CA ASN B 138 3.38 -8.39 2.92
C ASN B 138 2.34 -8.85 3.93
N GLN B 139 1.87 -10.07 3.77
CA GLN B 139 0.80 -10.52 4.70
C GLN B 139 1.32 -10.61 6.12
N GLN B 140 2.51 -11.18 6.29
CA GLN B 140 3.00 -11.59 7.60
C GLN B 140 3.45 -10.37 8.38
N ASN B 141 3.96 -9.34 7.67
CA ASN B 141 4.38 -8.05 8.25
C ASN B 141 3.30 -6.98 8.07
N ARG B 142 2.09 -7.34 7.67
CA ARG B 142 0.94 -6.40 7.63
C ARG B 142 1.28 -5.15 6.82
N GLY B 143 1.90 -5.34 5.65
CA GLY B 143 2.08 -4.24 4.71
C GLY B 143 3.23 -3.30 5.11
N GLY B 144 4.00 -3.65 6.14
CA GLY B 144 5.05 -2.74 6.59
C GLY B 144 6.39 -3.44 6.73
N ILE B 145 7.32 -2.68 7.25
CA ILE B 145 8.64 -3.20 7.69
C ILE B 145 8.74 -2.91 9.16
N PRO B 146 9.00 -3.93 9.97
CA PRO B 146 9.10 -3.72 11.41
C PRO B 146 10.09 -2.61 11.77
N GLY B 147 9.62 -1.64 12.56
CA GLY B 147 10.47 -0.56 13.09
C GLY B 147 10.67 0.58 12.10
N TYR B 148 10.01 0.56 10.97
CA TYR B 148 10.19 1.59 9.92
C TYR B 148 8.90 2.35 9.67
N PRO B 149 8.91 3.70 9.73
CA PRO B 149 7.68 4.45 9.65
C PRO B 149 6.99 4.30 8.30
N GLN B 150 5.66 4.17 8.33
CA GLN B 150 4.93 3.76 7.11
C GLN B 150 5.06 4.84 6.04
N ASP B 151 5.16 6.11 6.46
CA ASP B 151 5.22 7.20 5.46
C ASP B 151 6.44 7.04 4.52
N ARG B 152 7.48 6.32 4.94
CA ARG B 152 8.69 6.15 4.13
C ARG B 152 8.55 4.96 3.22
N LEU B 153 7.44 4.25 3.21
CA LEU B 153 7.36 2.93 2.52
C LEU B 153 6.31 2.94 1.42
N ARG B 154 6.55 2.31 0.30
CA ARG B 154 5.49 1.89 -0.64
C ARG B 154 5.68 0.43 -0.93
N VAL B 155 4.65 -0.38 -0.85
CA VAL B 155 4.60 -1.79 -1.24
C VAL B 155 3.80 -1.90 -2.54
N TYR B 156 4.36 -2.48 -3.60
CA TYR B 156 3.72 -2.75 -4.89
C TYR B 156 3.45 -4.25 -4.90
N CYS B 157 2.19 -4.61 -4.67
CA CYS B 157 1.73 -6.03 -4.61
C CYS B 157 0.59 -6.10 -5.61
N ALA B 158 0.87 -6.69 -6.76
CA ALA B 158 -0.06 -6.75 -7.89
C ALA B 158 -1.23 -7.65 -7.52
N VAL B 159 -2.38 -7.33 -8.10
CA VAL B 159 -3.54 -8.26 -8.11
C VAL B 159 -3.09 -9.63 -8.59
N GLY B 160 -3.35 -10.65 -7.78
CA GLY B 160 -3.04 -12.02 -8.15
C GLY B 160 -1.58 -12.38 -7.91
N ASP B 161 -0.75 -11.49 -7.35
CA ASP B 161 0.61 -11.89 -6.93
C ASP B 161 0.50 -12.52 -5.54
N LEU B 162 0.37 -13.83 -5.51
CA LEU B 162 0.02 -14.56 -4.28
C LEU B 162 1.15 -14.49 -3.25
N VAL B 163 2.38 -14.18 -3.65
CA VAL B 163 3.47 -14.12 -2.62
C VAL B 163 3.18 -12.98 -1.64
N CYS B 164 2.35 -12.03 -2.02
CA CYS B 164 1.96 -10.87 -1.16
C CYS B 164 0.83 -11.30 -0.20
N GLU B 165 0.37 -12.53 -0.30
CA GLU B 165 -0.89 -12.94 0.38
C GLU B 165 -0.60 -14.15 1.26
N GLY B 166 0.61 -14.27 1.81
CA GLY B 166 0.92 -15.29 2.85
C GLY B 166 1.21 -16.66 2.27
N THR B 167 1.52 -16.72 0.99
CA THR B 167 1.96 -17.95 0.28
C THR B 167 3.32 -17.70 -0.41
N LEU B 168 3.87 -18.74 -0.98
CA LEU B 168 5.05 -18.62 -1.85
C LEU B 168 4.68 -19.18 -3.24
N ILE B 169 3.50 -18.82 -3.72
CA ILE B 169 2.99 -19.19 -5.07
C ILE B 169 3.29 -18.08 -6.05
N VAL B 170 4.16 -18.42 -7.01
CA VAL B 170 4.64 -17.46 -8.02
C VAL B 170 3.84 -17.64 -9.32
N LEU B 171 3.10 -16.60 -9.73
CA LEU B 171 2.29 -16.62 -10.95
C LEU B 171 2.64 -15.39 -11.79
N ALA B 172 2.06 -15.27 -12.97
CA ALA B 172 2.42 -14.19 -13.93
C ALA B 172 2.32 -12.79 -13.30
N PRO B 173 1.35 -12.44 -12.43
CA PRO B 173 1.28 -11.09 -11.84
C PRO B 173 2.56 -10.72 -11.07
N HIS B 174 3.31 -11.71 -10.62
CA HIS B 174 4.61 -11.48 -9.97
C HIS B 174 5.64 -10.88 -10.91
N LEU B 175 5.43 -10.99 -12.22
CA LEU B 175 6.36 -10.42 -13.23
C LEU B 175 5.85 -9.10 -13.80
N SER B 176 4.90 -8.43 -13.16
CA SER B 176 4.15 -7.28 -13.72
C SER B 176 4.67 -5.93 -13.23
N TYR B 177 5.80 -5.86 -12.54
CA TYR B 177 6.20 -4.63 -11.83
C TYR B 177 7.05 -3.69 -12.66
N GLY B 178 7.33 -4.02 -13.92
CA GLY B 178 8.28 -3.15 -14.67
C GLY B 178 7.80 -1.73 -14.85
N ASP B 179 6.51 -1.53 -15.04
CA ASP B 179 5.92 -0.17 -15.23
C ASP B 179 6.11 0.61 -13.93
N GLU B 180 5.79 0.01 -12.81
CA GLU B 180 5.89 0.69 -11.51
C GLU B 180 7.36 1.05 -11.23
N ALA B 181 8.30 0.17 -11.56
CA ALA B 181 9.72 0.43 -11.36
C ALA B 181 10.21 1.66 -12.16
N ARG B 182 9.50 1.99 -13.23
CA ARG B 182 9.88 3.09 -14.15
C ARG B 182 9.08 4.35 -13.84
N ASN B 183 8.01 4.26 -13.04
CA ASN B 183 7.03 5.38 -12.89
C ASN B 183 6.77 5.64 -11.40
N GLU B 184 5.86 4.91 -10.81
CA GLU B 184 5.40 5.27 -9.45
C GLU B 184 6.50 5.11 -8.41
N ALA B 185 7.27 4.03 -8.46
CA ALA B 185 8.29 3.78 -7.42
C ALA B 185 9.38 4.86 -7.43
N PRO B 186 10.01 5.23 -8.58
CA PRO B 186 10.97 6.33 -8.50
C PRO B 186 10.29 7.65 -8.12
N ALA B 187 9.04 7.89 -8.54
CA ALA B 187 8.39 9.18 -8.18
C ALA B 187 8.31 9.25 -6.65
N PHE B 188 7.94 8.14 -6.02
CA PHE B 188 7.89 8.07 -4.55
C PHE B 188 9.24 8.35 -3.93
N LEU B 189 10.28 7.64 -4.39
CA LEU B 189 11.62 7.86 -3.80
C LEU B 189 12.09 9.31 -3.99
N ILE B 190 11.86 9.87 -5.17
CA ILE B 190 12.16 11.28 -5.47
C ILE B 190 11.47 12.20 -4.47
N SER B 191 10.21 11.94 -4.11
CA SER B 191 9.47 12.74 -3.10
C SER B 191 10.20 12.68 -1.78
N LYS B 192 10.76 11.54 -1.42
CA LYS B 192 11.43 11.37 -0.10
C LYS B 192 12.84 11.96 -0.12
N ILE B 193 13.53 11.88 -1.24
CA ILE B 193 14.88 12.51 -1.35
C ILE B 193 14.70 14.03 -1.32
N GLY B 194 13.64 14.55 -1.98
CA GLY B 194 13.37 16.00 -2.20
C GLY B 194 13.79 16.55 -3.56
AS CAD C . -10.34 15.21 5.44
C1 CAD C . -8.73 14.72 6.38
C2 CAD C . -10.79 16.91 6.14
O1 CAD C . -10.07 15.56 3.55
O2 CAD C . -11.72 14.21 5.61
AS CAD D . -0.32 1.20 -4.73
C1 CAD D . -1.71 0.53 -3.58
C2 CAD D . 1.36 1.32 -3.74
O1 CAD D . -0.89 2.92 -5.20
O2 CAD D . -0.20 0.11 -6.13
NA NA E . -4.28 9.27 -8.59
NA NA F . -27.01 -1.51 -8.22
AS CAD G . 10.61 -15.21 -5.57
C1 CAD G . 9.38 -15.21 -4.12
C2 CAD G . 10.92 -17.03 -6.20
O1 CAD G . 12.12 -14.37 -5.21
O2 CAD G . 9.82 -14.44 -6.90
NA NA H . 2.33 -3.13 -13.14
NA NA I . 25.43 7.11 -10.61
#